data_6S50
#
_entry.id   6S50
#
_cell.length_a   183.879
_cell.length_b   57.771
_cell.length_c   57.645
_cell.angle_alpha   90.00
_cell.angle_beta   108.33
_cell.angle_gamma   90.00
#
_symmetry.space_group_name_H-M   'C 1 2 1'
#
loop_
_entity.id
_entity.type
_entity.pdbx_description
1 polymer Streptavidin
2 non-polymer {N-(4-{[2-(amino-kappaN)ethyl]sulfamoyl-kappaN}phenyl)-5-[(3aS,4S,6aR)-2-oxohexahydro-1H-thieno[3,4-d]imidazol-4-yl]pentanamide}(chloro)[(1,2,3,4,5-eta)-1,2,3,4,5-pentamethylcyclopentadienyl]iridium(III)
3 non-polymer GLYCEROL
4 non-polymer 'SULFATE ION'
5 water water
#
_entity_poly.entity_id   1
_entity_poly.type   'polypeptide(L)'
_entity_poly.pdbx_seq_one_letter_code
;MASMTGGQQMGRDQAGITGTWYNQLGSTFIVTAGADGALTGTYESAVGNAESRYVLTGRYDSAPATDGSGTALGWTVAWK
NNYRNAHSATTWSGQYVGGAEARINTQWLLTSGTTEANAWASTLVGHDTFTKVKPSAASIDAAKKAGVNNGNPLDAVQQG
SGGGNGGGNGGGNGGGNIDGRGGGNASMTGGQQMGRDQAGITGTWYAQLGDTFIVTAGADGALTGTYVTARGNAESRYVL
TGRYDSAPATDGSGTALGWTVAWKNNYRNAHSATTWSGQYVGGAEARINTQWLLTRGTTEANAWKSTLVGCATFTKVKPS
AASIDAAKKAGVNNGNPLDAVQQ
;
_entity_poly.pdbx_strand_id   A,B
#
loop_
_chem_comp.id
_chem_comp.type
_chem_comp.name
_chem_comp.formula
4IR non-polymer {N-(4-{[2-(amino-kappaN)ethyl]sulfamoyl-kappaN}phenyl)-5-[(3aS,4S,6aR)-2-oxohexahydro-1H-thieno[3,4-d]imidazol-4-yl]pentanamide}(chloro)[(1,2,3,4,5-eta)-1,2,3,4,5-pentamethylcyclopentadienyl]iridium(III) 'C28 H45 Cl Ir N5 O4 S2 2'
GOL non-polymer GLYCEROL 'C3 H8 O3'
SO4 non-polymer 'SULFATE ION' 'O4 S -2'
#
# COMPACT_ATOMS: atom_id res chain seq x y z
N ASP A 13 12.39 -19.57 9.98
CA ASP A 13 13.39 -20.67 10.08
C ASP A 13 14.53 -20.62 9.01
N GLN A 14 15.79 -20.60 9.44
CA GLN A 14 16.87 -20.46 8.46
C GLN A 14 16.81 -21.57 7.40
N ALA A 15 16.64 -22.83 7.82
CA ALA A 15 16.55 -23.93 6.86
C ALA A 15 15.27 -23.87 6.04
N GLY A 16 14.18 -23.38 6.64
CA GLY A 16 12.92 -23.31 5.93
C GLY A 16 12.94 -22.28 4.81
N ILE A 17 13.66 -21.16 5.02
CA ILE A 17 13.61 -20.09 4.04
C ILE A 17 14.55 -20.35 2.87
N THR A 18 15.75 -20.83 3.15
CA THR A 18 16.76 -20.99 2.11
C THR A 18 16.28 -21.97 1.04
N GLY A 19 16.43 -21.56 -0.22
CA GLY A 19 16.05 -22.40 -1.34
C GLY A 19 15.39 -21.58 -2.42
N THR A 20 14.58 -22.29 -3.22
CA THR A 20 13.94 -21.70 -4.39
C THR A 20 12.45 -21.57 -4.14
N TRP A 21 11.90 -20.40 -4.49
CA TRP A 21 10.50 -20.05 -4.27
C TRP A 21 9.94 -19.59 -5.59
N TYR A 22 8.67 -19.92 -5.84
CA TYR A 22 7.99 -19.58 -7.07
C TYR A 22 6.74 -18.78 -6.77
N ASN A 23 6.49 -17.73 -7.53
CA ASN A 23 5.25 -17.02 -7.22
C ASN A 23 4.20 -17.27 -8.29
N GLN A 24 3.00 -16.72 -8.05
CA GLN A 24 1.82 -17.00 -8.85
C GLN A 24 1.95 -16.51 -10.30
N LEU A 25 2.82 -15.54 -10.55
CA LEU A 25 3.10 -15.07 -11.91
C LEU A 25 4.11 -15.94 -12.67
N GLY A 26 4.82 -16.87 -12.02
CA GLY A 26 5.90 -17.61 -12.67
C GLY A 26 7.31 -17.13 -12.36
N SER A 27 7.47 -16.04 -11.59
CA SER A 27 8.80 -15.56 -11.21
C SER A 27 9.45 -16.49 -10.20
N THR A 28 10.78 -16.44 -10.14
CA THR A 28 11.58 -17.32 -9.32
C THR A 28 12.52 -16.53 -8.45
N PHE A 29 12.62 -16.90 -7.18
CA PHE A 29 13.78 -16.39 -6.50
C PHE A 29 14.41 -17.44 -5.62
N ILE A 30 15.74 -17.38 -5.62
CA ILE A 30 16.59 -18.30 -4.90
C ILE A 30 17.21 -17.47 -3.78
N VAL A 31 17.12 -17.94 -2.55
CA VAL A 31 17.60 -17.15 -1.43
C VAL A 31 18.35 -18.04 -0.46
N THR A 32 19.36 -17.45 0.20
CA THR A 32 20.05 -18.07 1.33
C THR A 32 19.78 -17.19 2.52
N ALA A 33 19.23 -17.77 3.59
CA ALA A 33 19.01 -17.08 4.85
C ALA A 33 20.20 -17.35 5.75
N GLY A 34 20.95 -16.28 6.09
CA GLY A 34 22.11 -16.39 6.99
C GLY A 34 21.68 -16.54 8.43
N ALA A 35 22.61 -16.97 9.29
CA ALA A 35 22.19 -17.26 10.65
C ALA A 35 21.90 -15.97 11.42
N ASP A 36 22.42 -14.85 10.93
CA ASP A 36 22.36 -13.53 11.51
C ASP A 36 21.16 -12.70 11.03
N GLY A 37 20.27 -13.28 10.26
CA GLY A 37 19.14 -12.53 9.75
C GLY A 37 19.32 -12.00 8.34
N ALA A 38 20.43 -12.30 7.68
CA ALA A 38 20.66 -11.84 6.31
C ALA A 38 19.89 -12.68 5.29
N LEU A 39 19.43 -12.03 4.21
CA LEU A 39 18.87 -12.73 3.05
C LEU A 39 19.66 -12.27 1.85
N THR A 40 20.11 -13.20 1.01
CA THR A 40 20.91 -12.86 -0.17
C THR A 40 20.52 -13.83 -1.26
N GLY A 41 20.51 -13.36 -2.50
CA GLY A 41 20.06 -14.26 -3.56
C GLY A 41 19.88 -13.55 -4.87
N THR A 42 19.05 -14.15 -5.72
CA THR A 42 18.72 -13.60 -7.03
C THR A 42 17.23 -13.79 -7.29
N TYR A 43 16.67 -12.91 -8.08
CA TYR A 43 15.26 -12.90 -8.40
C TYR A 43 15.16 -12.92 -9.91
N GLU A 44 14.29 -13.75 -10.47
CA GLU A 44 14.05 -13.70 -11.91
C GLU A 44 12.56 -13.48 -12.13
N SER A 45 12.20 -12.40 -12.81
CA SER A 45 10.80 -11.96 -12.89
C SER A 45 10.21 -12.40 -14.21
N ALA A 46 9.03 -13.07 -14.14
CA ALA A 46 8.27 -13.51 -15.30
C ALA A 46 7.51 -12.39 -16.00
N VAL A 47 7.46 -11.19 -15.43
CA VAL A 47 6.71 -10.08 -16.02
C VAL A 47 7.49 -8.78 -15.86
N GLY A 48 7.01 -7.73 -16.53
CA GLY A 48 7.60 -6.42 -16.42
C GLY A 48 8.89 -6.31 -17.23
N ASN A 49 9.54 -5.16 -17.09
CA ASN A 49 10.72 -4.87 -17.88
C ASN A 49 11.92 -5.47 -17.15
N ALA A 50 12.11 -6.76 -17.40
CA ALA A 50 13.04 -7.55 -16.61
C ALA A 50 13.51 -8.74 -17.44
N GLU A 51 14.80 -9.11 -17.29
CA GLU A 51 15.31 -10.24 -18.05
C GLU A 51 16.55 -10.82 -17.40
N SER A 52 16.52 -12.13 -17.18
N SER A 52 16.53 -12.13 -17.19
CA SER A 52 17.55 -12.86 -16.45
CA SER A 52 17.59 -12.83 -16.48
C SER A 52 17.42 -12.55 -14.97
C SER A 52 17.43 -12.57 -14.98
N ARG A 53 18.53 -12.67 -14.26
CA ARG A 53 18.57 -12.64 -12.81
C ARG A 53 18.95 -11.23 -12.34
N TYR A 54 18.44 -10.87 -11.17
CA TYR A 54 18.75 -9.61 -10.51
C TYR A 54 19.13 -9.94 -9.09
N VAL A 55 20.09 -9.17 -8.57
CA VAL A 55 20.56 -9.32 -7.20
C VAL A 55 19.44 -8.94 -6.24
N LEU A 56 19.28 -9.72 -5.18
CA LEU A 56 18.34 -9.42 -4.11
C LEU A 56 19.05 -9.47 -2.77
N THR A 57 18.60 -8.58 -1.88
CA THR A 57 19.14 -8.57 -0.53
C THR A 57 18.00 -8.21 0.42
N GLY A 58 18.03 -8.79 1.61
CA GLY A 58 17.00 -8.47 2.57
C GLY A 58 17.36 -8.96 3.93
N ARG A 59 16.36 -9.01 4.82
CA ARG A 59 16.55 -9.41 6.21
C ARG A 59 15.35 -10.24 6.65
N TYR A 60 15.53 -11.01 7.71
CA TYR A 60 14.41 -11.74 8.29
C TYR A 60 14.64 -11.82 9.79
N ASP A 61 13.55 -12.09 10.52
CA ASP A 61 13.58 -12.32 11.97
C ASP A 61 14.19 -13.69 12.26
N SER A 62 15.43 -13.72 12.73
CA SER A 62 16.09 -15.00 12.98
C SER A 62 15.69 -15.63 14.32
N ALA A 63 14.85 -14.98 15.13
CA ALA A 63 14.30 -15.57 16.34
C ALA A 63 12.80 -15.34 16.36
N PRO A 64 12.06 -15.98 15.45
CA PRO A 64 10.60 -15.77 15.38
C PRO A 64 9.94 -16.29 16.66
N ALA A 65 8.66 -15.94 16.80
CA ALA A 65 7.86 -16.42 17.90
C ALA A 65 7.53 -17.88 17.69
N THR A 66 7.29 -18.58 18.80
CA THR A 66 6.98 -19.99 18.75
C THR A 66 5.49 -20.26 18.95
N ASP A 67 4.68 -19.22 19.10
CA ASP A 67 3.24 -19.44 19.21
C ASP A 67 2.63 -19.88 17.92
N GLY A 68 3.41 -20.25 16.90
CA GLY A 68 2.89 -20.53 15.57
C GLY A 68 2.81 -19.34 14.63
N SER A 69 3.32 -18.17 15.00
CA SER A 69 3.26 -17.09 14.05
C SER A 69 4.25 -17.33 12.92
N GLY A 70 3.98 -16.69 11.78
CA GLY A 70 4.95 -16.65 10.70
C GLY A 70 6.20 -15.86 11.08
N THR A 71 7.18 -15.92 10.18
CA THR A 71 8.48 -15.28 10.33
C THR A 71 8.54 -14.05 9.42
N ALA A 72 8.59 -12.85 10.04
CA ALA A 72 8.63 -11.60 9.27
C ALA A 72 9.94 -11.49 8.49
N LEU A 73 9.85 -10.95 7.27
CA LEU A 73 11.04 -10.77 6.44
C LEU A 73 10.73 -9.75 5.37
N GLY A 74 11.77 -9.33 4.67
CA GLY A 74 11.57 -8.53 3.47
C GLY A 74 12.85 -8.50 2.66
N TRP A 75 12.73 -7.97 1.45
CA TRP A 75 13.91 -7.92 0.60
C TRP A 75 13.62 -6.97 -0.54
N THR A 76 14.68 -6.62 -1.25
CA THR A 76 14.69 -5.58 -2.27
C THR A 76 15.39 -6.11 -3.50
N VAL A 77 14.93 -5.68 -4.66
CA VAL A 77 15.58 -5.90 -5.94
C VAL A 77 15.59 -4.56 -6.66
N ALA A 78 16.77 -4.11 -7.07
CA ALA A 78 16.87 -3.01 -8.04
C ALA A 78 16.91 -3.59 -9.45
N TRP A 79 16.01 -3.13 -10.32
CA TRP A 79 15.82 -3.76 -11.63
C TRP A 79 16.87 -3.28 -12.63
N LYS A 80 18.14 -3.48 -12.24
CA LYS A 80 19.28 -3.22 -13.11
C LYS A 80 20.19 -4.44 -13.05
N ASN A 81 20.47 -5.03 -14.20
CA ASN A 81 21.55 -6.02 -14.31
C ASN A 81 22.34 -5.68 -15.57
N ASN A 82 23.15 -6.62 -16.06
CA ASN A 82 24.01 -6.39 -17.22
C ASN A 82 23.25 -6.28 -18.53
N TYR A 83 21.98 -6.66 -18.56
CA TYR A 83 21.16 -6.64 -19.77
C TYR A 83 20.15 -5.53 -19.81
N ARG A 84 19.65 -5.08 -18.66
CA ARG A 84 18.55 -4.13 -18.65
C ARG A 84 18.66 -3.22 -17.44
N ASN A 85 18.09 -2.03 -17.59
CA ASN A 85 17.92 -1.14 -16.45
C ASN A 85 16.51 -0.58 -16.56
N ALA A 86 15.64 -0.99 -15.66
CA ALA A 86 14.28 -0.45 -15.70
C ALA A 86 14.11 0.77 -14.81
N HIS A 87 15.20 1.29 -14.25
CA HIS A 87 15.15 2.50 -13.41
C HIS A 87 14.08 2.37 -12.34
N SER A 88 14.16 1.29 -11.57
CA SER A 88 13.11 1.03 -10.57
C SER A 88 13.62 -0.03 -9.62
N ALA A 89 12.91 -0.15 -8.50
CA ALA A 89 13.23 -1.12 -7.45
C ALA A 89 11.92 -1.60 -6.85
N THR A 90 11.90 -2.85 -6.42
CA THR A 90 10.75 -3.39 -5.72
C THR A 90 11.22 -3.86 -4.36
N THR A 91 10.39 -3.62 -3.32
CA THR A 91 10.59 -4.27 -2.03
C THR A 91 9.37 -5.14 -1.74
N TRP A 92 9.64 -6.36 -1.25
CA TRP A 92 8.60 -7.26 -0.77
C TRP A 92 8.68 -7.25 0.73
N SER A 93 7.53 -7.17 1.39
CA SER A 93 7.52 -7.28 2.83
C SER A 93 6.49 -8.36 3.20
N GLY A 94 6.84 -9.31 4.06
CA GLY A 94 5.85 -10.34 4.32
C GLY A 94 6.28 -11.28 5.41
N GLN A 95 5.74 -12.50 5.37
CA GLN A 95 6.13 -13.50 6.34
C GLN A 95 6.20 -14.89 5.73
N TYR A 96 7.18 -15.65 6.21
CA TYR A 96 7.38 -17.07 5.89
C TYR A 96 6.51 -17.89 6.83
N VAL A 97 5.74 -18.82 6.26
CA VAL A 97 4.98 -19.81 7.04
C VAL A 97 5.45 -21.20 6.60
N GLY A 98 5.99 -21.97 7.54
CA GLY A 98 6.55 -23.28 7.26
C GLY A 98 5.48 -24.36 7.15
N GLY A 99 5.96 -25.60 7.03
CA GLY A 99 5.13 -26.80 7.01
C GLY A 99 5.06 -27.42 5.64
N ALA A 100 4.16 -28.40 5.53
CA ALA A 100 4.05 -29.20 4.31
C ALA A 100 3.75 -28.33 3.11
N GLU A 101 2.93 -27.29 3.31
CA GLU A 101 2.69 -26.26 2.31
C GLU A 101 3.24 -24.93 2.80
N ALA A 102 4.57 -24.88 2.89
CA ALA A 102 5.32 -23.66 3.19
C ALA A 102 4.98 -22.54 2.19
N ARG A 103 4.87 -21.31 2.70
CA ARG A 103 4.57 -20.16 1.84
C ARG A 103 5.35 -18.94 2.34
N ILE A 104 5.68 -18.05 1.41
CA ILE A 104 6.01 -16.66 1.78
C ILE A 104 4.91 -15.78 1.23
N ASN A 105 4.16 -15.12 2.12
CA ASN A 105 3.06 -14.26 1.72
C ASN A 105 3.57 -12.84 1.81
N THR A 106 3.53 -12.09 0.71
CA THR A 106 4.07 -10.73 0.73
C THR A 106 3.08 -9.72 0.16
N GLN A 107 3.37 -8.45 0.48
CA GLN A 107 2.94 -7.29 -0.27
C GLN A 107 4.18 -6.57 -0.79
N TRP A 108 4.07 -5.92 -1.95
CA TRP A 108 5.28 -5.29 -2.48
C TRP A 108 5.03 -3.85 -2.93
N LEU A 109 6.09 -3.05 -2.97
CA LEU A 109 6.05 -1.68 -3.47
C LEU A 109 7.10 -1.58 -4.56
N LEU A 110 6.69 -1.13 -5.75
CA LEU A 110 7.58 -0.91 -6.89
C LEU A 110 7.66 0.60 -7.17
N THR A 111 8.82 1.19 -6.95
CA THR A 111 9.00 2.63 -7.22
C THR A 111 9.87 2.79 -8.47
N SER A 112 9.45 3.69 -9.37
CA SER A 112 10.23 4.10 -10.54
C SER A 112 10.91 5.44 -10.23
N GLY A 113 12.13 5.64 -10.73
CA GLY A 113 12.68 6.98 -10.62
C GLY A 113 11.82 7.89 -11.49
N THR A 114 11.33 9.02 -10.98
CA THR A 114 10.50 9.93 -11.76
C THR A 114 11.02 11.35 -11.62
N THR A 115 10.58 12.22 -12.54
CA THR A 115 10.68 13.64 -12.29
C THR A 115 9.81 14.01 -11.10
N GLU A 116 10.13 15.14 -10.48
CA GLU A 116 9.38 15.52 -9.28
C GLU A 116 7.91 15.79 -9.62
N ALA A 117 7.62 16.11 -10.89
CA ALA A 117 6.24 16.37 -11.32
C ALA A 117 5.42 15.10 -11.39
N ASN A 118 6.05 13.97 -11.70
CA ASN A 118 5.38 12.68 -11.79
C ASN A 118 5.56 11.82 -10.56
N ALA A 119 6.22 12.34 -9.53
CA ALA A 119 6.51 11.54 -8.35
C ALA A 119 5.23 11.00 -7.72
N TRP A 120 4.12 11.74 -7.79
CA TRP A 120 2.90 11.24 -7.17
C TRP A 120 2.48 9.92 -7.81
N ALA A 121 2.86 9.68 -9.08
CA ALA A 121 2.58 8.43 -9.78
C ALA A 121 3.78 7.45 -9.80
N SER A 122 4.66 7.48 -8.82
CA SER A 122 5.92 6.74 -8.95
C SER A 122 5.88 5.29 -8.42
N THR A 123 4.87 4.90 -7.63
CA THR A 123 4.93 3.69 -6.82
C THR A 123 3.71 2.82 -7.07
N LEU A 124 3.95 1.60 -7.57
CA LEU A 124 2.91 0.58 -7.70
C LEU A 124 2.86 -0.26 -6.44
N VAL A 125 1.68 -0.83 -6.15
CA VAL A 125 1.55 -1.72 -5.00
C VAL A 125 0.82 -3.00 -5.45
N GLY A 126 1.18 -4.11 -4.81
CA GLY A 126 0.65 -5.41 -5.19
C GLY A 126 0.92 -6.41 -4.08
N HIS A 127 0.49 -7.66 -4.34
CA HIS A 127 0.74 -8.76 -3.43
C HIS A 127 1.31 -9.93 -4.23
N ASP A 128 2.23 -10.69 -3.61
CA ASP A 128 2.81 -11.91 -4.21
C ASP A 128 2.79 -13.01 -3.18
N THR A 129 2.40 -14.22 -3.58
CA THR A 129 2.55 -15.41 -2.73
C THR A 129 3.53 -16.39 -3.38
N PHE A 130 4.53 -16.82 -2.61
CA PHE A 130 5.58 -17.73 -3.10
C PHE A 130 5.41 -19.09 -2.46
N THR A 131 5.62 -20.14 -3.26
CA THR A 131 5.57 -21.52 -2.77
C THR A 131 6.85 -22.24 -3.20
N LYS A 132 7.15 -23.33 -2.50
CA LYS A 132 8.31 -24.15 -2.88
C LYS A 132 8.02 -25.02 -4.10
N VAL A 133 6.75 -25.17 -4.47
CA VAL A 133 6.37 -26.05 -5.57
C VAL A 133 6.18 -25.21 -6.81
N LYS A 134 6.90 -25.57 -7.88
CA LYS A 134 6.86 -24.83 -9.15
C LYS A 134 5.48 -25.01 -9.79
N PRO A 135 4.74 -23.93 -10.04
CA PRO A 135 3.39 -24.06 -10.60
C PRO A 135 3.37 -24.52 -12.06
N SER A 136 2.20 -25.02 -12.46
CA SER A 136 1.91 -25.56 -13.80
C SER A 136 2.70 -24.85 -14.88
N ASP A 197 25.25 8.65 -8.19
CA ASP A 197 24.56 9.03 -6.96
C ASP A 197 25.07 8.25 -5.76
N GLN A 198 26.06 7.41 -6.00
CA GLN A 198 26.71 6.74 -4.90
C GLN A 198 27.16 7.75 -3.84
N ALA A 199 27.85 8.82 -4.26
CA ALA A 199 28.28 9.87 -3.35
C ALA A 199 27.09 10.56 -2.70
N GLY A 200 26.04 10.81 -3.48
CA GLY A 200 24.87 11.52 -2.97
C GLY A 200 24.11 10.71 -1.92
N ILE A 201 24.02 9.40 -2.10
CA ILE A 201 23.30 8.57 -1.19
C ILE A 201 24.03 8.24 0.11
N THR A 202 25.28 7.92 0.00
CA THR A 202 26.06 7.53 1.13
C THR A 202 26.09 8.62 2.20
N GLY A 203 25.79 8.26 3.44
CA GLY A 203 25.82 9.21 4.53
C GLY A 203 24.68 8.96 5.49
N THR A 204 24.31 10.01 6.21
CA THR A 204 23.33 9.96 7.28
C THR A 204 22.08 10.70 6.85
N TRP A 205 20.91 10.08 7.08
CA TRP A 205 19.62 10.59 6.66
C TRP A 205 18.70 10.65 7.87
N TYR A 206 17.80 11.63 7.90
CA TYR A 206 16.95 11.86 9.05
C TYR A 206 15.50 11.87 8.61
N ALA A 207 14.65 11.14 9.30
CA ALA A 207 13.22 11.16 8.99
C ALA A 207 12.49 12.27 9.74
N GLN A 208 11.27 12.54 9.27
CA GLN A 208 10.37 13.50 9.90
C GLN A 208 10.02 13.09 11.33
N LEU A 209 10.16 11.81 11.68
CA LEU A 209 9.86 11.26 13.00
C LEU A 209 11.00 11.45 13.99
N GLY A 210 12.20 11.74 13.50
CA GLY A 210 13.38 11.82 14.35
C GLY A 210 14.29 10.60 14.27
N ASP A 211 14.01 9.62 13.43
CA ASP A 211 15.03 8.59 13.47
C ASP A 211 15.96 8.68 12.28
N THR A 212 16.97 7.82 12.31
CA THR A 212 18.21 8.01 11.57
C THR A 212 18.64 6.74 10.86
N PHE A 213 19.24 6.97 9.71
CA PHE A 213 19.51 5.97 8.68
C PHE A 213 20.92 6.33 8.20
N ILE A 214 21.91 5.48 8.52
CA ILE A 214 23.27 5.61 8.03
C ILE A 214 23.50 4.50 7.00
N VAL A 215 23.95 4.87 5.80
CA VAL A 215 24.00 3.93 4.70
C VAL A 215 25.22 4.22 3.85
N THR A 216 25.76 3.15 3.26
CA THR A 216 26.84 3.22 2.29
C THR A 216 26.28 2.63 1.02
N ALA A 217 26.32 3.39 -0.07
CA ALA A 217 25.91 2.89 -1.37
C ALA A 217 27.16 2.39 -2.09
N GLY A 218 27.19 1.08 -2.39
CA GLY A 218 28.28 0.49 -3.14
C GLY A 218 28.20 0.81 -4.60
N ALA A 219 29.30 0.57 -5.33
CA ALA A 219 29.31 0.95 -6.73
C ALA A 219 28.47 -0.01 -7.56
N ASP A 220 28.19 -1.19 -7.01
CA ASP A 220 27.43 -2.29 -7.59
C ASP A 220 25.92 -2.16 -7.41
N GLY A 221 25.45 -1.13 -6.73
CA GLY A 221 24.03 -1.06 -6.40
C GLY A 221 23.68 -1.58 -5.01
N ALA A 222 24.66 -2.00 -4.22
CA ALA A 222 24.41 -2.39 -2.84
C ALA A 222 24.14 -1.18 -1.92
N LEU A 223 23.26 -1.39 -0.92
CA LEU A 223 23.07 -0.47 0.20
C LEU A 223 23.26 -1.24 1.49
N THR A 224 24.03 -0.68 2.42
CA THR A 224 24.34 -1.37 3.66
C THR A 224 24.44 -0.30 4.73
N GLY A 225 24.03 -0.64 5.95
CA GLY A 225 24.12 0.38 6.98
C GLY A 225 23.32 -0.01 8.20
N THR A 226 22.81 0.99 8.90
CA THR A 226 22.09 0.80 10.15
C THR A 226 21.00 1.86 10.26
N TYR A 227 19.92 1.48 10.94
CA TYR A 227 18.72 2.26 11.07
C TYR A 227 18.46 2.41 12.55
N VAL A 228 18.16 3.61 13.01
CA VAL A 228 17.90 3.87 14.42
C VAL A 228 16.56 4.56 14.46
N THR A 229 15.55 3.89 15.02
CA THR A 229 14.17 4.36 14.88
C THR A 229 13.74 5.04 16.17
N ALA A 230 13.18 6.25 16.01
CA ALA A 230 12.69 7.09 17.10
C ALA A 230 11.32 6.68 17.61
N ARG A 231 10.66 5.70 16.97
CA ARG A 231 9.33 5.32 17.38
C ARG A 231 9.16 3.81 17.23
N GLY A 232 8.11 3.28 17.87
CA GLY A 232 7.80 1.87 17.84
C GLY A 232 8.56 1.04 18.86
N ASN A 233 8.45 -0.27 18.66
CA ASN A 233 9.13 -1.23 19.53
C ASN A 233 10.52 -1.43 18.95
N ALA A 234 11.42 -0.55 19.37
CA ALA A 234 12.72 -0.47 18.74
C ALA A 234 13.67 0.34 19.60
N GLU A 235 14.96 -0.02 19.51
CA GLU A 235 15.89 0.49 20.50
C GLU A 235 17.35 0.27 20.08
N SER A 236 18.03 1.37 19.79
CA SER A 236 19.40 1.31 19.30
C SER A 236 19.34 0.98 17.80
N ARG A 237 20.44 0.47 17.28
CA ARG A 237 20.63 0.32 15.86
C ARG A 237 20.19 -1.07 15.41
N TYR A 238 19.68 -1.13 14.18
CA TYR A 238 19.35 -2.38 13.52
C TYR A 238 20.02 -2.38 12.17
N VAL A 239 20.38 -3.59 11.73
CA VAL A 239 21.06 -3.78 10.44
C VAL A 239 20.08 -3.46 9.33
N LEU A 240 20.55 -2.77 8.29
CA LEU A 240 19.74 -2.56 7.09
C LEU A 240 20.51 -2.98 5.85
N THR A 241 19.78 -3.49 4.88
CA THR A 241 20.37 -3.86 3.61
C THR A 241 19.40 -3.51 2.50
N GLY A 242 19.93 -3.18 1.32
CA GLY A 242 19.02 -2.82 0.26
C GLY A 242 19.77 -2.70 -1.04
N ARG A 243 19.08 -2.13 -2.03
CA ARG A 243 19.62 -1.99 -3.39
C ARG A 243 19.20 -0.64 -3.95
N TYR A 244 19.98 -0.16 -4.91
CA TYR A 244 19.58 1.07 -5.62
C TYR A 244 20.01 0.96 -7.09
N ASP A 245 19.38 1.78 -7.93
CA ASP A 245 19.68 1.84 -9.36
C ASP A 245 21.02 2.55 -9.55
N SER A 246 22.07 1.81 -9.90
CA SER A 246 23.38 2.45 -9.93
C SER A 246 23.68 3.18 -11.23
N ALA A 247 22.76 3.18 -12.20
CA ALA A 247 22.90 3.99 -13.42
C ALA A 247 21.54 4.64 -13.67
N PRO A 248 21.21 5.68 -12.90
CA PRO A 248 19.90 6.35 -13.06
C PRO A 248 19.80 7.09 -14.39
N ALA A 249 18.58 7.50 -14.71
CA ALA A 249 18.35 8.35 -15.87
C ALA A 249 18.92 9.74 -15.63
N THR A 250 19.32 10.39 -16.71
CA THR A 250 19.94 11.71 -16.62
C THR A 250 18.94 12.84 -16.75
N ASP A 251 17.71 12.54 -17.17
CA ASP A 251 16.70 13.57 -17.47
C ASP A 251 16.13 14.26 -16.22
N GLY A 252 16.87 14.19 -15.10
CA GLY A 252 16.37 14.72 -13.85
C GLY A 252 15.45 13.81 -13.07
N SER A 253 15.32 12.54 -13.47
CA SER A 253 14.55 11.61 -12.67
C SER A 253 15.31 11.34 -11.38
N GLY A 254 14.57 11.04 -10.32
CA GLY A 254 15.21 10.50 -9.13
C GLY A 254 15.74 9.08 -9.36
N THR A 255 16.44 8.57 -8.32
CA THR A 255 17.11 7.27 -8.34
C THR A 255 16.31 6.30 -7.46
N ALA A 256 15.73 5.27 -8.09
CA ALA A 256 14.95 4.26 -7.37
C ALA A 256 15.85 3.47 -6.42
N LEU A 257 15.30 3.11 -5.25
CA LEU A 257 16.04 2.32 -4.26
C LEU A 257 15.04 1.72 -3.27
N GLY A 258 15.52 0.80 -2.45
CA GLY A 258 14.70 0.28 -1.37
C GLY A 258 15.61 -0.40 -0.39
N TRP A 259 15.09 -0.70 0.80
CA TRP A 259 15.91 -1.42 1.76
C TRP A 259 14.97 -2.01 2.80
N THR A 260 15.52 -2.88 3.63
CA THR A 260 14.80 -3.67 4.61
C THR A 260 15.51 -3.55 5.94
N VAL A 261 14.73 -3.57 7.00
CA VAL A 261 15.22 -3.71 8.35
C VAL A 261 14.35 -4.75 9.03
N ALA A 262 15.00 -5.79 9.58
CA ALA A 262 14.32 -6.72 10.50
C ALA A 262 14.49 -6.19 11.92
N TRP A 263 13.38 -6.02 12.66
CA TRP A 263 13.41 -5.33 13.95
C TRP A 263 13.87 -6.28 15.07
N LYS A 264 15.05 -6.86 14.86
CA LYS A 264 15.69 -7.70 15.86
C LYS A 264 17.13 -7.24 15.98
N ASN A 265 17.57 -6.96 17.20
CA ASN A 265 19.01 -6.78 17.45
C ASN A 265 19.31 -7.42 18.80
N ASN A 266 20.43 -7.06 19.42
CA ASN A 266 20.78 -7.74 20.67
C ASN A 266 19.90 -7.31 21.85
N TYR A 267 19.08 -6.28 21.71
CA TYR A 267 18.29 -5.76 22.80
C TYR A 267 16.80 -6.04 22.66
N ARG A 268 16.27 -6.13 21.44
CA ARG A 268 14.83 -6.26 21.21
C ARG A 268 14.55 -7.18 20.03
N ASN A 269 13.39 -7.79 20.06
CA ASN A 269 12.92 -8.50 18.88
C ASN A 269 11.43 -8.19 18.78
N ALA A 270 11.08 -7.32 17.83
CA ALA A 270 9.68 -6.97 17.62
C ALA A 270 8.98 -7.92 16.68
N HIS A 271 9.64 -8.99 16.26
CA HIS A 271 9.04 -10.00 15.37
C HIS A 271 8.42 -9.36 14.14
N SER A 272 9.18 -8.51 13.47
CA SER A 272 8.59 -7.72 12.38
C SER A 272 9.71 -7.22 11.52
N ALA A 273 9.34 -6.77 10.32
CA ALA A 273 10.32 -6.21 9.38
C ALA A 273 9.66 -5.09 8.60
N THR A 274 10.43 -4.05 8.24
CA THR A 274 9.94 -2.99 7.39
C THR A 274 10.77 -2.94 6.12
N THR A 275 10.11 -2.72 4.99
CA THR A 275 10.82 -2.35 3.77
C THR A 275 10.36 -0.96 3.35
N TRP A 276 11.35 -0.13 2.95
CA TRP A 276 11.07 1.18 2.36
C TRP A 276 11.37 1.10 0.88
N SER A 277 10.50 1.65 0.07
CA SER A 277 10.73 1.66 -1.37
C SER A 277 10.57 3.10 -1.81
N GLY A 278 11.55 3.64 -2.57
CA GLY A 278 11.35 5.03 -2.90
C GLY A 278 12.40 5.53 -3.86
N GLN A 279 12.70 6.83 -3.84
CA GLN A 279 13.70 7.35 -4.75
C GLN A 279 14.46 8.50 -4.10
N TYR A 280 15.74 8.56 -4.42
CA TYR A 280 16.66 9.61 -4.00
C TYR A 280 16.61 10.74 -5.01
N VAL A 281 16.49 11.98 -4.51
CA VAL A 281 16.55 13.20 -5.32
C VAL A 281 17.68 14.06 -4.74
N GLY A 282 18.67 14.36 -5.58
CA GLY A 282 19.85 15.06 -5.17
C GLY A 282 19.66 16.57 -5.15
N GLY A 283 20.77 17.27 -4.97
CA GLY A 283 20.79 18.70 -5.10
C GLY A 283 20.83 19.38 -3.75
N ALA A 284 20.49 20.67 -3.77
CA ALA A 284 20.66 21.51 -2.60
C ALA A 284 19.84 21.01 -1.43
N GLU A 285 18.60 20.56 -1.70
CA GLU A 285 17.75 19.93 -0.71
C GLU A 285 17.50 18.47 -1.12
N ALA A 286 18.55 17.66 -1.00
CA ALA A 286 18.47 16.23 -1.27
C ALA A 286 17.46 15.56 -0.35
N ARG A 287 16.69 14.63 -0.91
CA ARG A 287 15.65 13.93 -0.18
C ARG A 287 15.64 12.46 -0.62
N ILE A 288 15.30 11.57 0.31
CA ILE A 288 14.80 10.26 -0.07
C ILE A 288 13.31 10.20 0.32
N ASN A 289 12.44 10.09 -0.68
CA ASN A 289 11.00 10.02 -0.48
C ASN A 289 10.62 8.56 -0.58
N THR A 290 10.00 8.00 0.46
CA THR A 290 9.67 6.57 0.45
C THR A 290 8.23 6.30 0.84
N GLN A 291 7.75 5.11 0.45
CA GLN A 291 6.63 4.44 1.09
C GLN A 291 7.11 3.16 1.75
N TRP A 292 6.47 2.76 2.85
CA TRP A 292 7.02 1.60 3.56
C TRP A 292 5.92 0.60 3.91
N LEU A 293 6.31 -0.67 4.03
CA LEU A 293 5.42 -1.71 4.49
C LEU A 293 6.07 -2.34 5.71
N LEU A 294 5.30 -2.48 6.77
CA LEU A 294 5.80 -3.11 7.99
C LEU A 294 4.99 -4.38 8.23
N THR A 295 5.60 -5.55 8.13
CA THR A 295 4.83 -6.76 8.37
C THR A 295 5.22 -7.36 9.72
N ARG A 296 4.22 -7.78 10.49
CA ARG A 296 4.46 -8.52 11.74
C ARG A 296 4.24 -10.02 11.51
N GLY A 297 5.08 -10.85 12.12
CA GLY A 297 4.75 -12.27 12.08
C GLY A 297 3.42 -12.49 12.80
N THR A 298 2.45 -13.19 12.19
CA THR A 298 1.15 -13.45 12.82
C THR A 298 0.76 -14.91 12.66
N THR A 299 -0.21 -15.32 13.48
CA THR A 299 -0.91 -16.55 13.17
C THR A 299 -1.62 -16.44 11.82
N GLU A 300 -2.00 -17.59 11.28
CA GLU A 300 -2.68 -17.56 9.99
C GLU A 300 -4.03 -16.87 10.12
N ALA A 301 -4.66 -16.94 11.30
CA ALA A 301 -5.97 -16.31 11.46
C ALA A 301 -5.85 -14.80 11.49
N ASN A 302 -4.70 -14.28 11.91
CA ASN A 302 -4.48 -12.85 12.05
C ASN A 302 -3.73 -12.26 10.87
N ALA A 303 -3.40 -13.07 9.86
CA ALA A 303 -2.52 -12.59 8.80
C ALA A 303 -3.14 -11.44 8.02
N TRP A 304 -4.47 -11.42 7.88
CA TRP A 304 -5.10 -10.32 7.16
C TRP A 304 -4.73 -8.97 7.77
N LYS A 305 -4.44 -8.89 9.08
CA LYS A 305 -4.00 -7.64 9.70
C LYS A 305 -2.49 -7.60 10.04
N SER A 306 -1.63 -8.19 9.23
CA SER A 306 -0.22 -8.26 9.61
C SER A 306 0.64 -7.12 9.08
N THR A 307 0.14 -6.32 8.13
CA THR A 307 0.98 -5.38 7.38
C THR A 307 0.44 -3.95 7.53
N LEU A 308 1.26 -3.07 8.11
CA LEU A 308 1.01 -1.63 8.11
C LEU A 308 1.65 -0.97 6.91
N VAL A 309 1.08 0.16 6.46
CA VAL A 309 1.66 0.94 5.36
C VAL A 309 1.78 2.42 5.75
N GLY A 310 2.79 3.09 5.20
CA GLY A 310 3.06 4.48 5.57
C GLY A 310 3.97 5.10 4.53
N CYS A 311 4.29 6.39 4.76
CA CYS A 311 5.26 7.08 3.90
C CYS A 311 6.29 7.72 4.82
N ALA A 312 7.51 7.88 4.32
CA ALA A 312 8.51 8.60 5.13
C ALA A 312 9.44 9.35 4.19
N THR A 313 9.84 10.56 4.60
CA THR A 313 10.75 11.42 3.84
C THR A 313 12.00 11.65 4.68
N PHE A 314 13.16 11.44 4.07
CA PHE A 314 14.44 11.54 4.75
C PHE A 314 15.20 12.72 4.15
N THR A 315 15.85 13.49 5.01
CA THR A 315 16.73 14.55 4.53
C THR A 315 18.10 14.39 5.17
N LYS A 316 19.08 15.07 4.59
CA LYS A 316 20.43 15.12 5.15
C LYS A 316 20.55 16.10 6.31
N VAL A 317 19.56 16.97 6.51
CA VAL A 317 19.58 17.97 7.59
C VAL A 317 18.78 17.41 8.75
N LYS A 318 19.43 17.27 9.91
CA LYS A 318 18.76 16.82 11.13
C LYS A 318 17.65 17.82 11.48
N PRO A 319 16.43 17.37 11.72
CA PRO A 319 15.34 18.30 12.02
C PRO A 319 15.47 18.96 13.40
N SER A 320 14.77 20.09 13.56
CA SER A 320 14.79 20.94 14.75
C SER A 320 15.18 20.22 16.05
N ASP B 13 -21.31 -2.45 -17.34
CA ASP B 13 -20.99 -3.38 -16.25
C ASP B 13 -21.97 -3.20 -15.10
N GLN B 14 -22.92 -2.27 -15.27
CA GLN B 14 -23.95 -2.10 -14.26
C GLN B 14 -24.57 -3.44 -13.87
N ALA B 15 -25.01 -4.22 -14.87
CA ALA B 15 -25.59 -5.54 -14.59
C ALA B 15 -24.54 -6.50 -14.06
N GLY B 16 -23.29 -6.40 -14.55
CA GLY B 16 -22.25 -7.30 -14.11
C GLY B 16 -21.85 -7.07 -12.66
N ILE B 17 -21.81 -5.81 -12.23
CA ILE B 17 -21.36 -5.53 -10.87
C ILE B 17 -22.46 -5.78 -9.85
N THR B 18 -23.68 -5.38 -10.16
CA THR B 18 -24.75 -5.44 -9.18
C THR B 18 -24.97 -6.88 -8.71
N GLY B 19 -25.17 -7.06 -7.39
CA GLY B 19 -25.46 -8.36 -6.84
C GLY B 19 -24.60 -8.66 -5.65
N THR B 20 -24.41 -9.95 -5.37
CA THR B 20 -23.75 -10.42 -4.14
C THR B 20 -22.39 -11.00 -4.47
N TRP B 21 -21.38 -10.59 -3.69
CA TRP B 21 -19.99 -10.94 -3.91
C TRP B 21 -19.42 -11.52 -2.63
N TYR B 22 -18.54 -12.52 -2.77
CA TYR B 22 -17.96 -13.23 -1.64
C TYR B 22 -16.45 -13.15 -1.69
N ASN B 23 -15.81 -12.91 -0.56
CA ASN B 23 -14.36 -12.93 -0.70
C ASN B 23 -13.76 -14.15 0.00
N GLN B 24 -12.45 -14.30 -0.16
CA GLN B 24 -11.76 -15.51 0.27
C GLN B 24 -11.78 -15.68 1.78
N LEU B 25 -12.11 -14.63 2.53
CA LEU B 25 -12.23 -14.75 3.97
C LEU B 25 -13.62 -15.23 4.41
N GLY B 26 -14.60 -15.28 3.51
CA GLY B 26 -15.99 -15.50 3.90
C GLY B 26 -16.83 -14.24 4.06
N SER B 27 -16.24 -13.06 3.86
CA SER B 27 -17.02 -11.82 3.95
C SER B 27 -17.92 -11.70 2.73
N THR B 28 -19.00 -10.92 2.88
CA THR B 28 -20.04 -10.81 1.89
C THR B 28 -20.37 -9.34 1.62
N PHE B 29 -20.45 -8.97 0.35
CA PHE B 29 -21.06 -7.67 0.17
C PHE B 29 -22.01 -7.67 -1.00
N ILE B 30 -23.06 -6.91 -0.79
CA ILE B 30 -24.19 -6.80 -1.69
C ILE B 30 -24.15 -5.38 -2.20
N VAL B 31 -24.16 -5.21 -3.53
CA VAL B 31 -24.01 -3.87 -4.08
C VAL B 31 -24.96 -3.68 -5.25
N THR B 32 -25.37 -2.43 -5.44
CA THR B 32 -26.17 -2.01 -6.57
C THR B 32 -25.31 -0.99 -7.29
N ALA B 33 -25.02 -1.23 -8.55
CA ALA B 33 -24.33 -0.26 -9.38
C ALA B 33 -25.36 0.59 -10.11
N GLY B 34 -25.34 1.93 -9.85
CA GLY B 34 -26.26 2.84 -10.49
C GLY B 34 -25.76 3.22 -11.88
N ALA B 35 -26.67 3.80 -12.68
CA ALA B 35 -26.31 4.04 -14.07
C ALA B 35 -25.27 5.15 -14.20
N ASP B 36 -25.20 6.02 -13.20
CA ASP B 36 -24.36 7.20 -13.11
C ASP B 36 -22.96 6.93 -12.56
N GLY B 37 -22.65 5.70 -12.16
CA GLY B 37 -21.38 5.40 -11.54
C GLY B 37 -21.43 5.22 -10.03
N ALA B 38 -22.61 5.31 -9.42
CA ALA B 38 -22.71 5.11 -7.97
C ALA B 38 -22.62 3.63 -7.61
N LEU B 39 -22.05 3.33 -6.44
CA LEU B 39 -22.13 2.02 -5.81
C LEU B 39 -22.73 2.21 -4.43
N THR B 40 -23.71 1.38 -4.09
CA THR B 40 -24.38 1.49 -2.79
C THR B 40 -24.66 0.09 -2.31
N GLY B 41 -24.57 -0.15 -1.01
CA GLY B 41 -24.93 -1.48 -0.56
C GLY B 41 -24.54 -1.70 0.88
N THR B 42 -24.20 -2.96 1.20
CA THR B 42 -23.81 -3.35 2.56
C THR B 42 -22.71 -4.41 2.49
N TYR B 43 -21.86 -4.38 3.50
CA TYR B 43 -20.73 -5.26 3.62
C TYR B 43 -20.89 -6.00 4.92
N GLU B 44 -20.66 -7.32 4.93
CA GLU B 44 -20.64 -8.05 6.20
C GLU B 44 -19.30 -8.75 6.33
N SER B 45 -18.54 -8.44 7.38
CA SER B 45 -17.16 -8.91 7.45
C SER B 45 -17.12 -10.21 8.23
N ALA B 46 -16.39 -11.22 7.69
CA ALA B 46 -16.16 -12.49 8.36
C ALA B 46 -15.01 -12.46 9.36
N VAL B 47 -14.28 -11.35 9.46
CA VAL B 47 -13.18 -11.24 10.42
C VAL B 47 -13.15 -9.83 10.97
N GLY B 48 -12.33 -9.66 12.02
CA GLY B 48 -12.13 -8.36 12.62
C GLY B 48 -13.25 -7.99 13.58
N ASN B 49 -13.19 -6.72 13.97
CA ASN B 49 -14.11 -6.16 14.94
C ASN B 49 -15.33 -5.65 14.18
N ALA B 50 -16.16 -6.61 13.75
CA ALA B 50 -17.28 -6.36 12.86
C ALA B 50 -18.37 -7.39 13.14
N GLU B 51 -19.61 -7.01 12.83
CA GLU B 51 -20.75 -7.84 13.19
C GLU B 51 -22.03 -7.34 12.55
N SER B 52 -22.67 -8.21 11.77
CA SER B 52 -23.81 -7.82 10.98
C SER B 52 -23.34 -6.91 9.83
N ARG B 53 -24.24 -6.10 9.34
CA ARG B 53 -24.07 -5.38 8.10
C ARG B 53 -23.57 -3.96 8.39
N TYR B 54 -22.77 -3.45 7.45
CA TYR B 54 -22.31 -2.07 7.48
C TYR B 54 -22.60 -1.47 6.11
N VAL B 55 -22.92 -0.17 6.15
CA VAL B 55 -23.22 0.58 4.93
C VAL B 55 -21.94 0.72 4.12
N LEU B 56 -22.06 0.61 2.79
CA LEU B 56 -20.93 0.85 1.92
C LEU B 56 -21.35 1.79 0.82
N THR B 57 -20.42 2.62 0.39
CA THR B 57 -20.67 3.48 -0.74
C THR B 57 -19.39 3.59 -1.57
N GLY B 58 -19.55 3.86 -2.85
CA GLY B 58 -18.37 3.86 -3.70
C GLY B 58 -18.75 4.34 -5.08
N ARG B 59 -17.76 4.28 -5.96
CA ARG B 59 -17.93 4.70 -7.36
C ARG B 59 -17.34 3.65 -8.29
N TYR B 60 -17.82 3.65 -9.53
CA TYR B 60 -17.17 2.82 -10.54
C TYR B 60 -17.20 3.53 -11.89
N ASP B 61 -16.30 3.13 -12.80
CA ASP B 61 -16.24 3.66 -14.16
C ASP B 61 -17.42 3.12 -14.98
N SER B 62 -18.42 3.95 -15.28
CA SER B 62 -19.63 3.47 -15.95
C SER B 62 -19.50 3.41 -17.47
N ALA B 63 -18.35 3.76 -18.04
CA ALA B 63 -18.06 3.53 -19.46
C ALA B 63 -16.65 2.98 -19.58
N PRO B 64 -16.43 1.74 -19.17
CA PRO B 64 -15.07 1.17 -19.25
C PRO B 64 -14.59 1.05 -20.69
N ALA B 65 -13.32 0.72 -20.83
CA ALA B 65 -12.70 0.51 -22.11
C ALA B 65 -13.13 -0.83 -22.70
N THR B 66 -13.21 -0.87 -24.02
CA THR B 66 -13.71 -2.04 -24.71
C THR B 66 -12.61 -3.03 -25.07
N ASP B 67 -11.34 -2.66 -24.89
CA ASP B 67 -10.26 -3.57 -25.29
C ASP B 67 -10.15 -4.80 -24.42
N GLY B 68 -11.12 -5.07 -23.54
CA GLY B 68 -11.00 -6.14 -22.57
C GLY B 68 -10.41 -5.75 -21.23
N SER B 69 -10.18 -4.46 -20.98
CA SER B 69 -9.68 -4.09 -19.67
C SER B 69 -10.76 -4.33 -18.62
N GLY B 70 -10.33 -4.52 -17.38
CA GLY B 70 -11.28 -4.49 -16.27
C GLY B 70 -11.91 -3.12 -16.11
N THR B 71 -12.88 -3.05 -15.17
CA THR B 71 -13.62 -1.83 -14.84
C THR B 71 -13.18 -1.32 -13.46
N ALA B 72 -12.51 -0.15 -13.44
CA ALA B 72 -12.05 0.43 -12.17
C ALA B 72 -13.21 0.80 -11.25
N LEU B 73 -13.03 0.61 -9.94
CA LEU B 73 -14.05 0.97 -8.97
C LEU B 73 -13.40 1.05 -7.59
N GLY B 74 -14.18 1.55 -6.62
CA GLY B 74 -13.71 1.57 -5.26
C GLY B 74 -14.90 1.79 -4.35
N TRP B 75 -14.72 1.48 -3.06
CA TRP B 75 -15.81 1.74 -2.11
C TRP B 75 -15.22 1.78 -0.71
N THR B 76 -16.04 2.28 0.21
CA THR B 76 -15.65 2.56 1.59
C THR B 76 -16.69 1.93 2.51
N VAL B 77 -16.22 1.43 3.65
CA VAL B 77 -17.05 1.00 4.76
C VAL B 77 -16.48 1.66 6.00
N ALA B 78 -17.30 2.46 6.70
CA ALA B 78 -16.95 2.84 8.08
C ALA B 78 -17.50 1.79 9.04
N TRP B 79 -16.63 1.26 9.91
CA TRP B 79 -16.95 0.08 10.72
C TRP B 79 -17.72 0.49 11.98
N LYS B 80 -18.82 1.19 11.75
CA LYS B 80 -19.74 1.57 12.82
C LYS B 80 -21.14 1.20 12.35
N ASN B 81 -21.87 0.45 13.17
CA ASN B 81 -23.29 0.24 12.92
C ASN B 81 -23.99 0.26 14.29
N ASN B 82 -25.23 -0.22 14.35
CA ASN B 82 -25.98 -0.14 15.62
C ASN B 82 -25.47 -1.11 16.66
N TYR B 83 -24.58 -2.02 16.28
CA TYR B 83 -24.06 -3.02 17.18
C TYR B 83 -22.62 -2.75 17.60
N ARG B 84 -21.80 -2.15 16.72
CA ARG B 84 -20.40 -1.94 17.06
C ARG B 84 -19.87 -0.64 16.45
N ASN B 85 -18.81 -0.15 17.05
CA ASN B 85 -18.03 0.92 16.46
C ASN B 85 -16.58 0.51 16.63
N ALA B 86 -15.92 0.20 15.52
CA ALA B 86 -14.51 -0.14 15.58
C ALA B 86 -13.59 1.06 15.34
N HIS B 87 -14.15 2.27 15.26
CA HIS B 87 -13.35 3.48 15.09
C HIS B 87 -12.37 3.33 13.92
N SER B 88 -12.89 2.89 12.79
CA SER B 88 -12.01 2.56 11.67
C SER B 88 -12.85 2.57 10.40
N ALA B 89 -12.16 2.67 9.28
CA ALA B 89 -12.81 2.62 7.96
C ALA B 89 -11.87 1.87 7.02
N THR B 90 -12.46 1.14 6.06
CA THR B 90 -11.66 0.49 5.03
C THR B 90 -12.10 1.00 3.68
N THR B 91 -11.14 1.27 2.79
CA THR B 91 -11.42 1.47 1.37
C THR B 91 -10.82 0.33 0.55
N TRP B 92 -11.63 -0.18 -0.40
CA TRP B 92 -11.15 -1.15 -1.36
C TRP B 92 -11.01 -0.44 -2.69
N SER B 93 -9.90 -0.66 -3.37
CA SER B 93 -9.75 -0.08 -4.69
C SER B 93 -9.37 -1.21 -5.63
N GLY B 94 -10.02 -1.30 -6.80
CA GLY B 94 -9.71 -2.42 -7.66
C GLY B 94 -10.44 -2.41 -8.98
N GLN B 95 -10.68 -3.59 -9.56
CA GLN B 95 -11.36 -3.60 -10.85
C GLN B 95 -12.19 -4.86 -11.00
N TYR B 96 -13.36 -4.68 -11.63
CA TYR B 96 -14.31 -5.75 -11.92
C TYR B 96 -13.93 -6.34 -13.26
N VAL B 97 -13.80 -7.68 -13.31
CA VAL B 97 -13.58 -8.43 -14.54
C VAL B 97 -14.75 -9.39 -14.74
N GLY B 98 -15.41 -9.28 -15.88
CA GLY B 98 -16.61 -10.03 -16.15
C GLY B 98 -16.31 -11.41 -16.73
N GLY B 99 -17.37 -12.10 -17.14
CA GLY B 99 -17.25 -13.38 -17.80
C GLY B 99 -17.72 -14.52 -16.91
N ALA B 100 -17.38 -15.74 -17.35
CA ALA B 100 -17.94 -16.94 -16.72
C ALA B 100 -17.51 -17.04 -15.27
N GLU B 101 -16.27 -16.66 -14.98
CA GLU B 101 -15.80 -16.47 -13.60
C GLU B 101 -15.44 -15.00 -13.38
N ALA B 102 -16.51 -14.20 -13.25
CA ALA B 102 -16.41 -12.80 -12.87
C ALA B 102 -15.72 -12.65 -11.53
N ARG B 103 -14.90 -11.60 -11.39
CA ARG B 103 -14.29 -11.33 -10.09
CA ARG B 103 -14.18 -11.34 -10.15
C ARG B 103 -14.06 -9.84 -9.92
N ILE B 104 -13.94 -9.44 -8.65
CA ILE B 104 -13.47 -8.09 -8.31
C ILE B 104 -12.18 -8.28 -7.54
N ASN B 105 -11.06 -7.83 -8.11
CA ASN B 105 -9.74 -7.96 -7.51
C ASN B 105 -9.42 -6.62 -6.90
N THR B 106 -9.13 -6.57 -5.60
CA THR B 106 -8.91 -5.30 -4.91
C THR B 106 -7.67 -5.34 -4.05
N GLN B 107 -7.21 -4.13 -3.74
CA GLN B 107 -6.33 -3.85 -2.62
C GLN B 107 -7.06 -2.91 -1.68
N TRP B 108 -6.78 -3.00 -0.38
CA TRP B 108 -7.57 -2.20 0.55
C TRP B 108 -6.69 -1.51 1.58
N LEU B 109 -7.17 -0.38 2.10
CA LEU B 109 -6.50 0.33 3.19
C LEU B 109 -7.46 0.40 4.34
N LEU B 110 -7.04 0.00 5.52
CA LEU B 110 -7.86 0.09 6.73
C LEU B 110 -7.20 1.07 7.71
N THR B 111 -7.84 2.21 7.96
CA THR B 111 -7.27 3.20 8.87
C THR B 111 -8.08 3.18 10.17
N SER B 112 -7.37 3.17 11.32
CA SER B 112 -7.99 3.31 12.63
C SER B 112 -7.81 4.76 13.10
N GLY B 113 -8.80 5.29 13.80
CA GLY B 113 -8.56 6.60 14.42
C GLY B 113 -7.49 6.42 15.48
N THR B 114 -6.45 7.25 15.49
CA THR B 114 -5.38 7.11 16.49
C THR B 114 -5.04 8.48 17.07
N THR B 115 -4.31 8.47 18.19
CA THR B 115 -3.64 9.67 18.64
C THR B 115 -2.55 10.05 17.62
N GLU B 116 -2.09 11.29 17.75
CA GLU B 116 -1.02 11.80 16.89
C GLU B 116 0.23 10.95 17.05
N ALA B 117 0.50 10.48 18.27
CA ALA B 117 1.72 9.75 18.55
C ALA B 117 1.70 8.37 17.94
N ASN B 118 0.52 7.82 17.67
CA ASN B 118 0.38 6.50 17.11
C ASN B 118 -0.01 6.52 15.64
N ALA B 119 -0.13 7.71 15.06
CA ALA B 119 -0.65 7.81 13.70
C ALA B 119 0.22 7.03 12.73
N TRP B 120 1.54 7.01 12.94
CA TRP B 120 2.40 6.28 12.01
C TRP B 120 1.94 4.82 11.90
N ALA B 121 1.33 4.24 12.94
CA ALA B 121 0.82 2.87 12.90
C ALA B 121 -0.70 2.79 12.63
N SER B 122 -1.31 3.75 11.93
CA SER B 122 -2.76 3.80 11.85
C SER B 122 -3.39 2.98 10.71
N THR B 123 -2.65 2.56 9.69
CA THR B 123 -3.22 2.09 8.44
C THR B 123 -2.67 0.71 8.10
N LEU B 124 -3.56 -0.29 8.03
CA LEU B 124 -3.24 -1.62 7.52
C LEU B 124 -3.44 -1.65 6.01
N VAL B 125 -2.71 -2.55 5.31
CA VAL B 125 -2.91 -2.73 3.88
C VAL B 125 -3.04 -4.22 3.57
N GLY B 126 -3.85 -4.52 2.56
CA GLY B 126 -4.08 -5.91 2.21
C GLY B 126 -4.69 -6.01 0.81
N HIS B 127 -5.07 -7.23 0.44
CA HIS B 127 -5.73 -7.47 -0.84
C HIS B 127 -6.91 -8.41 -0.59
N ASP B 128 -7.98 -8.25 -1.38
CA ASP B 128 -9.17 -9.11 -1.30
C ASP B 128 -9.58 -9.45 -2.74
N THR B 129 -10.02 -10.68 -2.97
CA THR B 129 -10.62 -11.05 -4.25
C THR B 129 -12.05 -11.51 -4.01
N PHE B 130 -13.00 -10.95 -4.75
CA PHE B 130 -14.40 -11.31 -4.58
C PHE B 130 -14.88 -12.10 -5.80
N THR B 131 -15.72 -13.12 -5.56
CA THR B 131 -16.34 -13.85 -6.65
C THR B 131 -17.82 -13.92 -6.39
N LYS B 132 -18.57 -14.24 -7.45
CA LYS B 132 -20.02 -14.39 -7.35
C LYS B 132 -20.44 -15.71 -6.72
N VAL B 133 -19.55 -16.68 -6.60
CA VAL B 133 -19.93 -17.99 -6.11
C VAL B 133 -19.39 -18.14 -4.69
N LYS B 134 -20.28 -18.50 -3.78
CA LYS B 134 -19.92 -18.54 -2.38
C LYS B 134 -18.95 -19.69 -2.16
N PRO B 135 -17.77 -19.41 -1.61
CA PRO B 135 -16.75 -20.46 -1.48
C PRO B 135 -17.14 -21.51 -0.45
N SER B 136 -16.47 -22.67 -0.53
CA SER B 136 -16.77 -23.76 0.40
C SER B 136 -16.69 -23.32 1.87
N ASP B 197 -24.12 16.08 12.06
CA ASP B 197 -23.15 15.62 11.07
C ASP B 197 -21.87 16.45 11.08
N GLN B 198 -20.75 15.84 11.49
CA GLN B 198 -19.52 16.58 11.79
C GLN B 198 -19.39 17.94 11.11
N ALA B 199 -19.52 19.00 11.91
CA ALA B 199 -19.16 20.33 11.46
C ALA B 199 -17.68 20.41 11.11
N GLY B 200 -16.86 19.57 11.74
CA GLY B 200 -15.43 19.62 11.50
C GLY B 200 -15.07 19.18 10.10
N ILE B 201 -15.70 18.11 9.62
CA ILE B 201 -15.31 17.56 8.33
C ILE B 201 -15.91 18.35 7.19
N THR B 202 -17.16 18.77 7.32
CA THR B 202 -17.85 19.43 6.22
C THR B 202 -17.15 20.73 5.82
N GLY B 203 -17.01 20.94 4.51
CA GLY B 203 -16.33 22.12 4.02
C GLY B 203 -15.38 21.78 2.89
N THR B 204 -14.46 22.72 2.66
CA THR B 204 -13.50 22.63 1.55
C THR B 204 -12.12 22.28 2.09
N TRP B 205 -11.45 21.31 1.44
CA TRP B 205 -10.14 20.84 1.87
C TRP B 205 -9.18 20.96 0.70
N TYR B 206 -7.90 21.15 1.01
CA TYR B 206 -6.90 21.43 -0.01
C TYR B 206 -5.74 20.49 0.20
N ALA B 207 -5.27 19.87 -0.88
CA ALA B 207 -4.11 18.98 -0.76
C ALA B 207 -2.82 19.74 -1.08
N GLN B 208 -1.71 19.15 -0.66
CA GLN B 208 -0.38 19.68 -0.93
C GLN B 208 -0.04 19.74 -2.41
N LEU B 209 -0.80 19.05 -3.26
CA LEU B 209 -0.66 19.13 -4.71
C LEU B 209 -1.37 20.35 -5.33
N GLY B 210 -2.36 20.92 -4.64
CA GLY B 210 -3.18 21.97 -5.21
C GLY B 210 -4.61 21.56 -5.54
N ASP B 211 -5.00 20.32 -5.33
CA ASP B 211 -6.39 20.11 -5.70
C ASP B 211 -7.30 20.15 -4.48
N THR B 212 -8.60 20.04 -4.74
CA THR B 212 -9.62 20.55 -3.85
C THR B 212 -10.72 19.52 -3.70
N PHE B 213 -11.19 19.39 -2.48
CA PHE B 213 -12.12 18.35 -2.03
C PHE B 213 -13.20 19.15 -1.27
N ILE B 214 -14.42 19.19 -1.80
CA ILE B 214 -15.57 19.79 -1.12
C ILE B 214 -16.50 18.66 -0.68
N VAL B 215 -16.78 18.57 0.63
CA VAL B 215 -17.51 17.42 1.15
C VAL B 215 -18.53 17.86 2.20
N THR B 216 -19.61 17.09 2.28
CA THR B 216 -20.63 17.23 3.30
C THR B 216 -20.66 15.92 4.07
N ALA B 217 -20.44 16.01 5.37
CA ALA B 217 -20.54 14.87 6.26
C ALA B 217 -21.96 14.84 6.83
N GLY B 218 -22.66 13.75 6.54
CA GLY B 218 -24.02 13.57 7.02
C GLY B 218 -24.00 13.04 8.43
N ALA B 219 -25.17 13.10 9.08
CA ALA B 219 -25.22 12.72 10.49
C ALA B 219 -25.10 11.21 10.67
N ASP B 220 -25.43 10.45 9.64
CA ASP B 220 -25.44 9.00 9.56
C ASP B 220 -24.08 8.42 9.18
N GLY B 221 -23.06 9.24 9.03
CA GLY B 221 -21.76 8.75 8.62
C GLY B 221 -21.51 8.82 7.14
N ALA B 222 -22.43 9.39 6.36
CA ALA B 222 -22.23 9.58 4.93
C ALA B 222 -21.23 10.72 4.62
N LEU B 223 -20.46 10.54 3.53
CA LEU B 223 -19.67 11.62 2.93
C LEU B 223 -20.06 11.76 1.47
N THR B 224 -20.36 12.98 1.03
CA THR B 224 -20.75 13.25 -0.36
C THR B 224 -20.14 14.57 -0.79
N GLY B 225 -19.76 14.68 -2.06
CA GLY B 225 -19.17 15.94 -2.47
C GLY B 225 -18.55 15.82 -3.85
N THR B 226 -17.55 16.66 -4.09
CA THR B 226 -16.86 16.76 -5.38
C THR B 226 -15.37 16.92 -5.12
N TYR B 227 -14.56 16.37 -6.02
CA TYR B 227 -13.11 16.40 -5.92
C TYR B 227 -12.61 17.04 -7.20
N VAL B 228 -11.69 18.00 -7.10
CA VAL B 228 -11.11 18.65 -8.28
C VAL B 228 -9.61 18.40 -8.21
N THR B 229 -9.06 17.69 -9.18
CA THR B 229 -7.67 17.25 -9.04
C THR B 229 -6.78 18.13 -9.90
N ALA B 230 -5.65 18.55 -9.29
CA ALA B 230 -4.64 19.42 -9.90
C ALA B 230 -3.56 18.65 -10.68
N ARG B 231 -3.58 17.33 -10.63
CA ARG B 231 -2.58 16.53 -11.34
C ARG B 231 -3.29 15.33 -11.95
N GLY B 232 -2.61 14.69 -12.93
CA GLY B 232 -3.12 13.49 -13.58
C GLY B 232 -4.08 13.73 -14.75
N ASN B 233 -4.76 12.66 -15.13
CA ASN B 233 -5.67 12.70 -16.27
C ASN B 233 -7.06 13.05 -15.73
N ALA B 234 -7.25 14.34 -15.51
CA ALA B 234 -8.45 14.80 -14.83
C ALA B 234 -8.64 16.28 -15.10
N GLU B 235 -9.89 16.71 -15.00
CA GLU B 235 -10.25 18.08 -15.31
C GLU B 235 -11.66 18.39 -14.86
N SER B 236 -11.79 19.49 -14.13
N SER B 236 -11.82 19.51 -14.19
CA SER B 236 -13.04 19.89 -13.51
CA SER B 236 -13.12 19.86 -13.62
C SER B 236 -13.36 18.93 -12.37
C SER B 236 -13.37 18.98 -12.40
N ARG B 237 -14.63 18.84 -12.04
CA ARG B 237 -15.07 18.23 -10.82
C ARG B 237 -15.45 16.78 -11.10
N TYR B 238 -15.23 15.92 -10.10
CA TYR B 238 -15.65 14.54 -10.14
C TYR B 238 -16.44 14.27 -8.87
N VAL B 239 -17.43 13.39 -9.01
CA VAL B 239 -18.26 13.01 -7.88
C VAL B 239 -17.42 12.19 -6.90
N LEU B 240 -17.58 12.46 -5.60
CA LEU B 240 -16.99 11.61 -4.58
C LEU B 240 -18.04 11.15 -3.60
N THR B 241 -17.83 9.96 -3.07
CA THR B 241 -18.67 9.44 -2.03
C THR B 241 -17.81 8.65 -1.06
N GLY B 242 -18.23 8.61 0.21
CA GLY B 242 -17.43 7.91 1.19
C GLY B 242 -18.19 7.76 2.47
N ARG B 243 -17.46 7.38 3.52
CA ARG B 243 -18.06 7.16 4.84
C ARG B 243 -17.10 7.67 5.90
N TYR B 244 -17.63 8.00 7.07
CA TYR B 244 -16.76 8.33 8.20
C TYR B 244 -17.39 7.80 9.49
N ASP B 245 -16.56 7.66 10.53
CA ASP B 245 -17.01 7.23 11.86
C ASP B 245 -17.74 8.39 12.53
N SER B 246 -19.05 8.25 12.70
CA SER B 246 -19.85 9.36 13.21
C SER B 246 -19.88 9.42 14.73
N ALA B 247 -19.24 8.47 15.41
CA ALA B 247 -19.15 8.48 16.87
C ALA B 247 -17.72 8.12 17.24
N PRO B 248 -16.76 9.00 16.96
CA PRO B 248 -15.35 8.72 17.25
C PRO B 248 -15.08 8.60 18.75
N ALA B 249 -13.84 8.19 19.05
CA ALA B 249 -13.37 8.10 20.42
C ALA B 249 -13.02 9.49 20.93
N THR B 250 -13.22 9.71 22.23
CA THR B 250 -13.03 11.03 22.80
C THR B 250 -11.69 11.17 23.50
N ASP B 251 -10.80 10.20 23.34
CA ASP B 251 -9.47 10.31 23.95
C ASP B 251 -8.52 11.17 23.12
N GLY B 252 -9.03 11.88 22.12
CA GLY B 252 -8.17 12.62 21.21
C GLY B 252 -7.66 11.85 20.00
N SER B 253 -8.20 10.66 19.73
CA SER B 253 -7.86 10.03 18.46
C SER B 253 -8.56 10.76 17.34
N GLY B 254 -7.97 10.66 16.16
CA GLY B 254 -8.62 11.12 14.95
C GLY B 254 -9.90 10.34 14.67
N THR B 255 -10.60 10.81 13.64
CA THR B 255 -11.84 10.25 13.15
C THR B 255 -11.58 9.52 11.84
N ALA B 256 -11.77 8.19 11.82
CA ALA B 256 -11.47 7.42 10.61
C ALA B 256 -12.49 7.70 9.52
N LEU B 257 -12.04 7.70 8.26
CA LEU B 257 -12.95 7.97 7.15
C LEU B 257 -12.29 7.49 5.86
N GLY B 258 -13.08 7.43 4.79
CA GLY B 258 -12.49 7.14 3.50
C GLY B 258 -13.47 7.56 2.43
N TRP B 259 -13.00 7.64 1.19
CA TRP B 259 -13.92 8.04 0.11
C TRP B 259 -13.31 7.60 -1.20
N THR B 260 -14.13 7.63 -2.24
CA THR B 260 -13.79 7.14 -3.57
C THR B 260 -14.14 8.21 -4.59
N VAL B 261 -13.30 8.31 -5.62
CA VAL B 261 -13.58 9.07 -6.84
C VAL B 261 -13.33 8.14 -8.02
N ALA B 262 -14.35 7.95 -8.87
CA ALA B 262 -14.13 7.39 -10.20
C ALA B 262 -13.83 8.52 -11.19
N TRP B 263 -12.70 8.40 -11.90
CA TRP B 263 -12.17 9.52 -12.69
C TRP B 263 -12.87 9.61 -14.04
N LYS B 264 -14.20 9.72 -13.98
CA LYS B 264 -15.00 9.88 -15.19
C LYS B 264 -15.99 10.97 -14.90
N ASN B 265 -16.02 12.00 -15.76
CA ASN B 265 -17.09 12.98 -15.71
C ASN B 265 -17.46 13.28 -17.16
N ASN B 266 -18.18 14.38 -17.39
CA ASN B 266 -18.64 14.74 -18.74
C ASN B 266 -17.51 15.16 -19.67
N TYR B 267 -16.31 15.41 -19.16
CA TYR B 267 -15.21 15.83 -19.99
C TYR B 267 -14.13 14.78 -20.19
N ARG B 268 -13.95 13.88 -19.23
CA ARG B 268 -12.84 12.94 -19.31
C ARG B 268 -13.27 11.59 -18.72
N ASN B 269 -12.60 10.56 -19.17
CA ASN B 269 -12.76 9.26 -18.56
C ASN B 269 -11.34 8.71 -18.51
N ALA B 270 -10.76 8.68 -17.32
CA ALA B 270 -9.42 8.14 -17.13
C ALA B 270 -9.43 6.63 -16.87
N HIS B 271 -10.59 5.98 -16.94
CA HIS B 271 -10.72 4.54 -16.68
C HIS B 271 -9.99 4.13 -15.42
N SER B 272 -10.26 4.82 -14.33
CA SER B 272 -9.57 4.55 -13.07
C SER B 272 -10.39 5.11 -11.93
N ALA B 273 -10.03 4.70 -10.73
CA ALA B 273 -10.68 5.18 -9.51
C ALA B 273 -9.61 5.27 -8.43
N THR B 274 -9.77 6.21 -7.52
CA THR B 274 -8.89 6.36 -6.36
C THR B 274 -9.73 6.26 -5.11
N THR B 275 -9.22 5.56 -4.09
CA THR B 275 -9.80 5.59 -2.75
C THR B 275 -8.76 6.16 -1.81
N TRP B 276 -9.19 7.12 -0.96
CA TRP B 276 -8.38 7.63 0.11
C TRP B 276 -8.87 7.02 1.40
N SER B 277 -7.95 6.62 2.25
CA SER B 277 -8.38 6.12 3.55
C SER B 277 -7.56 6.88 4.60
N GLY B 278 -8.20 7.34 5.66
CA GLY B 278 -7.39 8.11 6.59
C GLY B 278 -8.15 8.59 7.79
N GLN B 279 -7.69 9.70 8.38
CA GLN B 279 -8.38 10.18 9.56
C GLN B 279 -8.34 11.70 9.62
N TYR B 280 -9.45 12.25 10.08
CA TYR B 280 -9.63 13.68 10.30
C TYR B 280 -9.14 14.00 11.69
N VAL B 281 -8.28 15.02 11.81
CA VAL B 281 -7.81 15.54 13.08
C VAL B 281 -8.23 17.01 13.19
N GLY B 282 -8.99 17.35 14.23
CA GLY B 282 -9.58 18.67 14.35
C GLY B 282 -8.65 19.69 15.01
N GLY B 283 -9.20 20.87 15.28
CA GLY B 283 -8.51 21.87 16.07
C GLY B 283 -7.95 22.99 15.23
N ALA B 284 -7.00 23.71 15.83
CA ALA B 284 -6.50 24.95 15.26
C ALA B 284 -5.99 24.76 13.84
N GLU B 285 -5.28 23.66 13.60
CA GLU B 285 -4.86 23.25 12.25
C GLU B 285 -5.45 21.87 11.95
N ALA B 286 -6.77 21.84 11.71
CA ALA B 286 -7.43 20.62 11.27
C ALA B 286 -6.71 20.04 10.06
N ARG B 287 -6.64 18.72 10.00
CA ARG B 287 -6.07 18.05 8.82
C ARG B 287 -6.82 16.74 8.56
N ILE B 288 -6.85 16.34 7.29
CA ILE B 288 -7.16 14.94 6.94
C ILE B 288 -5.88 14.32 6.38
N ASN B 289 -5.34 13.34 7.10
CA ASN B 289 -4.12 12.64 6.71
C ASN B 289 -4.57 11.35 6.03
N THR B 290 -4.21 11.15 4.77
CA THR B 290 -4.66 9.96 4.07
C THR B 290 -3.51 9.22 3.40
N GLN B 291 -3.82 7.95 3.09
CA GLN B 291 -3.14 7.13 2.12
C GLN B 291 -4.12 6.75 1.02
N TRP B 292 -3.67 6.64 -0.22
CA TRP B 292 -4.61 6.38 -1.30
C TRP B 292 -4.15 5.25 -2.21
N LEU B 293 -5.13 4.61 -2.87
CA LEU B 293 -4.91 3.60 -3.89
C LEU B 293 -5.62 4.05 -5.14
N LEU B 294 -4.89 4.11 -6.24
CA LEU B 294 -5.43 4.46 -7.56
C LEU B 294 -5.33 3.21 -8.45
N THR B 295 -6.47 2.64 -8.83
CA THR B 295 -6.47 1.46 -9.70
C THR B 295 -6.92 1.85 -11.10
N ARG B 296 -6.19 1.39 -12.14
CA ARG B 296 -6.63 1.59 -13.52
C ARG B 296 -7.23 0.29 -14.04
N GLY B 297 -8.29 0.40 -14.86
CA GLY B 297 -8.75 -0.83 -15.52
C GLY B 297 -7.60 -1.32 -16.39
N THR B 298 -7.24 -2.62 -16.31
CA THR B 298 -6.18 -3.17 -17.14
C THR B 298 -6.63 -4.48 -17.76
N THR B 299 -5.88 -4.92 -18.77
CA THR B 299 -5.98 -6.30 -19.18
C THR B 299 -5.48 -7.22 -18.06
N GLU B 300 -5.92 -8.47 -18.13
CA GLU B 300 -5.48 -9.50 -17.20
C GLU B 300 -3.96 -9.61 -17.15
N ALA B 301 -3.29 -9.44 -18.30
CA ALA B 301 -1.84 -9.56 -18.35
C ALA B 301 -1.15 -8.39 -17.66
N ASN B 302 -1.80 -7.23 -17.58
CA ASN B 302 -1.19 -6.05 -17.00
C ASN B 302 -1.69 -5.79 -15.58
N ALA B 303 -2.52 -6.67 -15.05
CA ALA B 303 -3.16 -6.39 -13.77
C ALA B 303 -2.15 -6.22 -12.66
N TRP B 304 -1.00 -6.91 -12.73
CA TRP B 304 -0.03 -6.79 -11.65
C TRP B 304 0.43 -5.34 -11.49
N LYS B 305 0.39 -4.54 -12.56
CA LYS B 305 0.76 -3.13 -12.47
C LYS B 305 -0.46 -2.18 -12.55
N SER B 306 -1.58 -2.57 -11.99
CA SER B 306 -2.78 -1.73 -12.14
C SER B 306 -2.96 -0.68 -11.05
N THR B 307 -2.26 -0.78 -9.92
CA THR B 307 -2.59 0.02 -8.75
C THR B 307 -1.38 0.82 -8.27
N LEU B 308 -1.55 2.14 -8.20
CA LEU B 308 -0.60 3.08 -7.61
C LEU B 308 -0.97 3.34 -6.16
N VAL B 309 0.04 3.66 -5.34
CA VAL B 309 -0.16 3.97 -3.93
C VAL B 309 0.59 5.28 -3.59
N GLY B 310 0.00 6.04 -2.67
CA GLY B 310 0.58 7.33 -2.32
C GLY B 310 -0.04 7.80 -1.02
N CYS B 311 0.37 9.01 -0.61
CA CYS B 311 -0.23 9.62 0.56
C CYS B 311 -0.61 11.05 0.23
N ALA B 312 -1.65 11.54 0.89
CA ALA B 312 -2.07 12.94 0.68
C ALA B 312 -2.52 13.53 2.02
N THR B 313 -2.15 14.78 2.28
CA THR B 313 -2.56 15.49 3.48
C THR B 313 -3.39 16.70 3.07
N PHE B 314 -4.58 16.84 3.65
CA PHE B 314 -5.50 17.92 3.28
C PHE B 314 -5.63 18.88 4.45
N THR B 315 -5.67 20.18 4.16
CA THR B 315 -5.87 21.20 5.19
C THR B 315 -7.01 22.11 4.77
N LYS B 316 -7.52 22.87 5.75
CA LYS B 316 -8.61 23.80 5.43
C LYS B 316 -8.10 25.10 4.83
N VAL B 317 -6.79 25.33 4.82
CA VAL B 317 -6.20 26.56 4.32
C VAL B 317 -5.37 26.23 3.09
N LYS B 318 -5.60 26.98 2.02
CA LYS B 318 -5.16 26.68 0.66
C LYS B 318 -3.63 26.60 0.52
CL1 4IR C . 2.92 5.62 -13.65
IR1 4IR C . 4.91 4.88 -14.93
C1 4IR C . 7.05 -10.10 -9.69
N1 4IR C . 6.26 -9.51 -8.78
O1 4IR C . 7.56 -11.24 -9.58
S1 4IR C . 8.11 -6.71 -9.07
C2 4IR C . 5.84 -8.19 -9.21
N2 4IR C . 7.20 -9.30 -10.74
O2 4IR C . 8.83 -3.84 -14.59
S2 4IR C . 5.43 1.72 -15.42
C3 4IR C . 6.56 -7.14 -8.32
N3 4IR C . 9.62 -2.03 -13.61
O3 4IR C . 5.73 2.22 -16.73
C4 4IR C . 6.47 -8.05 -10.59
N4 4IR C . 4.76 2.86 -14.51
O4 4IR C . 4.32 0.84 -15.58
C5 4IR C . 7.41 -6.85 -10.69
N5 4IR C . 5.88 4.66 -13.12
C6 4IR C . 8.49 -6.88 -11.77
C7 4IR C . 9.01 -5.48 -12.04
C8 4IR C . 10.06 -5.48 -13.15
C9 4IR C . 10.67 -4.10 -13.37
C10 4IR C . 9.83 -3.22 -14.28
C11 4IR C . 8.68 -1.08 -14.03
C12 4IR C . 8.96 0.29 -14.09
C13 4IR C . 7.97 1.20 -14.52
C14 4IR C . 7.40 -1.49 -14.38
C15 4IR C . 6.42 -0.57 -14.81
C16 4IR C . 6.66 0.80 -14.88
C17 4IR C . 5.36 6.90 -15.19
C18 4IR C . 6.51 6.11 -15.54
C19 4IR C . 6.13 5.26 -16.62
C20 4IR C . 4.76 5.52 -16.94
C21 4IR C . 4.28 6.53 -16.06
C22 4IR C . 5.26 7.89 -14.04
C23 4IR C . 7.86 6.14 -14.82
C24 4IR C . 7.11 4.27 -17.25
C25 4IR C . 3.96 4.82 -18.04
C26 4IR C . 2.86 7.11 -16.01
C27 4IR C . 4.83 2.47 -13.09
C28 4IR C . 5.24 3.66 -12.25
CL1 4IR D . -1.62 -4.64 13.50
IR1 4IR D . -0.85 -5.90 15.47
C1 4IR D . 10.29 4.80 11.06
N1 4IR D . 9.43 4.66 10.05
O1 4IR D . 11.32 5.45 11.01
S1 4IR D . 9.33 1.34 10.51
C2 4IR D . 8.32 3.82 10.37
N2 4IR D . 9.87 4.13 12.13
O2 4IR D . 7.41 -1.17 15.82
S2 4IR D . 1.65 -4.18 15.75
C3 4IR D . 8.45 2.54 9.56
N3 4IR D . 7.30 -3.19 15.09
O3 4IR D . 1.52 -4.38 17.17
C4 4IR D . 8.61 3.46 11.84
N4 4IR D . 1.09 -5.51 14.98
O4 4IR D . 0.88 -3.05 15.33
C5 4IR D . 8.71 1.96 12.04
N5 4IR D . -0.44 -7.61 14.43
C6 4IR D . 9.39 1.44 13.29
C7 4IR D . 8.98 -0.03 13.47
C8 4IR D . 9.54 -0.56 14.79
C9 4IR D . 9.22 -2.04 14.90
C10 4IR D . 7.99 -2.23 15.78
C11 4IR D . 5.97 -3.39 15.24
C12 4IR D . 5.52 -4.68 15.48
C13 4IR D . 4.15 -4.93 15.64
C14 4IR D . 5.02 -2.35 15.14
C15 4IR D . 3.64 -2.60 15.30
C16 4IR D . 3.22 -3.91 15.55
C17 4IR D . -2.78 -6.42 16.08
C18 4IR D . -1.83 -7.02 16.97
C19 4IR D . -1.06 -5.99 17.57
C20 4IR D . -1.51 -4.73 17.07
C21 4IR D . -2.58 -5.02 16.16
C22 4IR D . -3.79 -7.08 15.14
C23 4IR D . -1.73 -8.52 17.22
C24 4IR D . 0.03 -6.22 18.59
C25 4IR D . -0.90 -3.36 17.38
C26 4IR D . -3.31 -4.09 15.25
C27 4IR D . 1.81 -6.76 15.12
C28 4IR D . 0.96 -7.95 14.70
C1 GOL E . 21.64 -1.26 -20.63
O1 GOL E . 22.44 -0.47 -21.49
C2 GOL E . 22.62 -1.74 -19.51
O2 GOL E . 23.15 -3.01 -19.76
C3 GOL E . 21.86 -1.57 -18.15
O3 GOL E . 22.29 -0.36 -17.61
C1 GOL F . -4.04 -14.27 -3.55
O1 GOL F . -4.59 -13.28 -4.44
C2 GOL F . -4.18 -13.74 -2.12
O2 GOL F . -5.28 -14.23 -1.41
C3 GOL F . -2.85 -14.09 -1.40
O3 GOL F . -2.63 -15.49 -1.57
H11 GOL F . -3.11 -14.46 -3.75
H12 GOL F . -4.50 -15.13 -3.63
HO1 GOL F . -4.29 -13.44 -5.21
H2 GOL F . -4.32 -12.78 -2.16
HO2 GOL F . -5.88 -13.62 -1.38
H31 GOL F . -2.92 -13.83 -0.46
H32 GOL F . -2.15 -13.54 -1.77
HO3 GOL F . -2.75 -15.84 -0.82
C1 GOL G . 24.02 -4.87 -12.19
O1 GOL G . 24.94 -4.49 -13.24
C2 GOL G . 24.55 -4.30 -10.85
O2 GOL G . 25.35 -3.18 -11.07
C3 GOL G . 25.26 -5.54 -10.24
O3 GOL G . 24.56 -5.88 -9.07
H11 GOL G . 23.93 -5.84 -12.12
H12 GOL G . 23.12 -4.53 -12.35
HO1 GOL G . 24.80 -3.67 -13.40
H2 GOL G . 23.86 -3.98 -10.24
HO2 GOL G . 25.46 -3.10 -11.90
H31 GOL G . 26.19 -5.33 -10.08
H32 GOL G . 25.27 -6.25 -10.90
HO3 GOL G . 24.91 -5.46 -8.43
S SO4 H . 25.30 -23.02 11.96
O1 SO4 H . 26.21 -23.30 10.85
O2 SO4 H . 24.46 -24.17 12.24
O3 SO4 H . 26.08 -22.70 13.16
O4 SO4 H . 24.43 -21.89 11.60
CL1 4IR I . -3.97 -3.00 17.64
IR1 4IR I . -3.87 -0.95 16.30
C1 4IR I . -12.66 -8.12 4.90
N1 4IR I . -11.60 -7.64 4.22
O1 4IR I . -13.70 -8.60 4.41
S1 4IR I . -11.61 -4.87 6.06
C2 4IR I . -10.55 -7.15 5.09
N2 4IR I . -12.44 -8.00 6.22
O2 4IR I . -11.51 -4.91 12.39
S2 4IR I . -6.10 -2.84 14.95
C3 4IR I . -10.44 -5.63 4.96
N3 4IR I . -11.28 -2.74 12.37
O3 4IR I . -6.35 -3.18 16.33
C4 4IR I . -11.15 -7.40 6.49
N4 4IR I . -5.19 -1.51 14.80
O4 4IR I . -5.53 -3.95 14.26
C5 4IR I . -11.33 -6.10 7.28
N5 4IR I . -2.52 -1.42 14.84
C6 4IR I . -12.37 -6.08 8.41
C7 4IR I . -12.17 -4.86 9.32
C8 4IR I . -13.16 -4.94 10.48
C9 4IR I . -13.13 -3.71 11.39
C10 4IR I . -12.09 -3.84 12.49
C11 4IR I . -10.08 -2.68 13.02
C12 4IR I . -9.70 -1.63 13.86
C13 4IR I . -8.44 -1.67 14.49
C14 4IR I . -9.18 -3.73 12.81
C15 4IR I . -7.93 -3.77 13.43
C16 4IR I . -7.55 -2.72 14.26
C17 4IR I . -2.59 0.05 17.64
C18 4IR I . -3.01 0.94 16.61
C19 4IR I . -4.43 1.04 16.65
C20 4IR I . -4.89 0.22 17.71
C21 4IR I . -3.76 -0.38 18.33
C22 4IR I . -1.16 -0.37 17.94
C23 4IR I . -2.10 1.60 15.60
C24 4IR I . -5.35 1.82 15.72
C25 4IR I . -6.37 0.00 18.10
C26 4IR I . -3.76 -1.37 19.51
C27 4IR I . -4.58 -1.37 13.47
C28 4IR I . -3.11 -0.99 13.56
CL1 4IR J . -1.74 0.67 -16.28
IR1 4IR J . -0.17 2.46 -16.36
C1 4IR J . -4.71 13.84 -6.05
N1 4IR J . -4.17 12.89 -5.31
O1 4IR J . -5.28 14.83 -5.62
S1 4IR J . -5.65 10.53 -7.14
C2 4IR J . -3.59 11.88 -6.09
N2 4IR J . -4.53 13.58 -7.32
O2 4IR J . -4.70 10.24 -13.38
S2 4IR J . -0.89 5.19 -15.15
C3 4IR J . -4.39 10.61 -5.93
N3 4IR J . -5.66 8.35 -13.56
O3 4IR J . -0.81 5.39 -16.52
C4 4IR J . -3.83 12.35 -7.50
N4 4IR J . -0.82 3.61 -14.79
O4 4IR J . 0.20 5.87 -14.61
C5 4IR J . -4.69 11.40 -8.28
N5 4IR J . -1.70 3.48 -17.10
C6 4IR J . -5.48 11.91 -9.46
C7 4IR J . -5.63 10.81 -10.48
C8 4IR J . -6.45 11.23 -11.67
C9 4IR J . -6.77 10.08 -12.58
C10 4IR J . -5.70 9.69 -13.57
C11 4IR J . -4.62 7.55 -13.98
C12 4IR J . -4.77 6.33 -14.64
C13 4IR J . -3.60 5.59 -15.00
C14 4IR J . -3.31 7.96 -13.75
C15 4IR J . -2.18 7.22 -14.12
C16 4IR J . -2.27 5.98 -14.74
C17 4IR J . 0.63 1.76 -18.12
C18 4IR J . 1.15 3.03 -17.86
C19 4IR J . 1.81 3.00 -16.61
C20 4IR J . 1.70 1.66 -16.10
C21 4IR J . 0.96 0.89 -17.03
C22 4IR J . -0.20 1.43 -19.32
C23 4IR J . 0.97 4.21 -18.79
C24 4IR J . 2.53 4.16 -15.94
C25 4IR J . 2.18 1.12 -14.77
C26 4IR J . 0.53 -0.54 -16.83
C27 4IR J . -2.18 3.13 -14.74
C28 4IR J . -2.75 3.10 -16.15
C1 GOL K . -21.34 2.47 19.51
O1 GOL K . -21.82 2.77 18.21
C2 GOL K . -21.75 1.00 19.74
O2 GOL K . -22.62 0.65 18.74
C3 GOL K . -22.42 1.02 21.16
O3 GOL K . -23.80 1.22 20.99
C1 GOL L . -15.53 10.93 -23.75
O1 GOL L . -16.55 11.73 -24.29
C2 GOL L . -15.93 10.68 -22.27
O2 GOL L . -15.22 11.47 -21.38
C3 GOL L . -15.72 9.18 -22.05
O3 GOL L . -16.87 8.70 -21.38
C1 GOL M . -7.29 23.04 -13.47
O1 GOL M . -6.08 22.77 -14.14
C2 GOL M . -6.94 23.41 -12.02
O2 GOL M . -8.08 23.87 -11.37
C3 GOL M . -6.36 22.15 -11.38
O3 GOL M . -7.44 21.49 -10.73
H11 GOL M . -7.89 22.28 -13.47
H12 GOL M . -7.78 23.76 -13.87
HO1 GOL M . -6.29 22.59 -14.94
H2 GOL M . -6.28 24.12 -12.01
HO2 GOL M . -8.76 23.62 -11.80
H31 GOL M . -5.64 22.41 -10.77
H32 GOL M . -5.93 21.61 -12.06
HO3 GOL M . -7.37 21.65 -9.90
#